data_3CS4
#
_entry.id   3CS4
#
_cell.length_a   45.007
_cell.length_b   51.370
_cell.length_c   132.236
_cell.angle_alpha   90.00
_cell.angle_beta   90.00
_cell.angle_gamma   90.00
#
_symmetry.space_group_name_H-M   'P 21 21 21'
#
loop_
_entity.id
_entity.type
_entity.pdbx_description
1 polymer 'Vitamin D3 receptor'
2 non-polymer (1S,3R,5Z,7E,14beta,17alpha)-17-[(2S,4S)-4-(2-hydroxy-2-methylpropyl)-2-methyltetrahydrofuran-2-yl]-9,10-secoandrosta-5,7,10-triene-1,3-diol
3 water water
#
_entity_poly.entity_id   1
_entity_poly.type   'polypeptide(L)'
_entity_poly.pdbx_seq_one_letter_code
;GSHMDSLRPKLSEEQQRIIAILLDAHHKTYDPTYSDFCQFRPPVRVNDGGGSVTLELSQLSMLPHLADLVSYSIQKVIGF
AKMIPGFRDLTSEDQIVLLKSSAIEVIMLRSNESFTMDDMSWTCGNQDYKYRVSDVTKAGHSLELIEPLIKFQVGLKKLN
LHEEEHVLLMAICIVSPDRPGVQDAALIEAIQDRLSNTLQTYIRCRHPPPGSHLLYAKMIQKLADLRSLNEEHSKQYRCL
SFQPECSMKLTPLVLEVFGNEIS
;
_entity_poly.pdbx_strand_id   A
#
# COMPACT_ATOMS: atom_id res chain seq x y z
N SER A 6 -28.97 10.45 5.67
CA SER A 6 -30.31 10.44 5.01
C SER A 6 -30.22 10.85 3.54
N LEU A 7 -29.81 12.09 3.30
CA LEU A 7 -29.69 12.59 1.92
C LEU A 7 -28.67 11.81 1.12
N ARG A 8 -28.98 11.62 -0.16
CA ARG A 8 -28.08 10.88 -1.05
C ARG A 8 -27.88 11.69 -2.33
N PRO A 9 -27.09 12.77 -2.24
CA PRO A 9 -26.85 13.59 -3.44
C PRO A 9 -26.16 12.78 -4.53
N LYS A 10 -26.41 13.15 -5.78
CA LYS A 10 -25.81 12.46 -6.91
C LYS A 10 -24.37 12.93 -7.05
N LEU A 11 -23.55 12.11 -7.70
CA LEU A 11 -22.17 12.45 -7.94
C LEU A 11 -22.14 13.61 -8.94
N SER A 12 -21.36 14.63 -8.65
CA SER A 12 -21.25 15.77 -9.57
C SER A 12 -20.44 15.31 -10.79
N GLU A 13 -20.42 16.13 -11.84
CA GLU A 13 -19.67 15.79 -13.03
C GLU A 13 -18.19 15.71 -12.67
N GLU A 14 -17.73 16.62 -11.81
CA GLU A 14 -16.34 16.63 -11.39
C GLU A 14 -16.01 15.34 -10.63
N GLN A 15 -16.89 14.94 -9.73
CA GLN A 15 -16.68 13.74 -8.95
C GLN A 15 -16.63 12.49 -9.83
N GLN A 16 -17.48 12.46 -10.86
CA GLN A 16 -17.52 11.33 -11.78
C GLN A 16 -16.20 11.30 -12.55
N ARG A 17 -15.70 12.48 -12.87
CA ARG A 17 -14.43 12.61 -13.59
C ARG A 17 -13.27 12.16 -12.70
N ILE A 18 -13.32 12.53 -11.43
CA ILE A 18 -12.26 12.14 -10.50
C ILE A 18 -12.17 10.61 -10.39
N ILE A 19 -13.33 9.97 -10.27
CA ILE A 19 -13.38 8.51 -10.17
C ILE A 19 -12.89 7.83 -11.44
N ALA A 20 -13.26 8.36 -12.60
CA ALA A 20 -12.84 7.78 -13.88
C ALA A 20 -11.32 7.89 -14.00
N ILE A 21 -10.79 9.04 -13.61
CA ILE A 21 -9.35 9.29 -13.66
C ILE A 21 -8.59 8.33 -12.75
N LEU A 22 -9.10 8.14 -11.54
CA LEU A 22 -8.45 7.26 -10.58
C LEU A 22 -8.52 5.79 -11.00
N LEU A 23 -9.66 5.38 -11.56
CA LEU A 23 -9.79 4.00 -12.02
C LEU A 23 -8.77 3.75 -13.14
N ASP A 24 -8.68 4.70 -14.06
CA ASP A 24 -7.75 4.60 -15.17
C ASP A 24 -6.29 4.61 -14.70
N ALA A 25 -5.99 5.47 -13.74
CA ALA A 25 -4.63 5.55 -13.21
C ALA A 25 -4.25 4.19 -12.61
N HIS A 26 -5.16 3.60 -11.85
CA HIS A 26 -4.90 2.31 -11.24
C HIS A 26 -4.72 1.21 -12.28
N HIS A 27 -5.58 1.18 -13.30
CA HIS A 27 -5.48 0.15 -14.34
C HIS A 27 -4.17 0.25 -15.10
N LYS A 28 -3.59 1.43 -15.14
CA LYS A 28 -2.33 1.64 -15.86
C LYS A 28 -1.10 1.39 -15.00
N THR A 29 -1.29 1.34 -13.68
CA THR A 29 -0.15 1.14 -12.78
C THR A 29 -0.21 -0.13 -11.94
N TYR A 30 -1.26 -0.92 -12.12
CA TYR A 30 -1.39 -2.17 -11.39
C TYR A 30 -1.73 -3.31 -12.35
N ASP A 31 -0.73 -4.13 -12.66
CA ASP A 31 -0.88 -5.27 -13.56
C ASP A 31 -1.44 -6.45 -12.76
N PRO A 32 -2.73 -6.80 -12.99
CA PRO A 32 -3.35 -7.90 -12.26
C PRO A 32 -2.82 -9.28 -12.61
N THR A 33 -1.91 -9.36 -13.57
CA THR A 33 -1.33 -10.63 -13.97
C THR A 33 0.08 -10.77 -13.39
N TYR A 34 0.61 -9.68 -12.83
CA TYR A 34 1.94 -9.70 -12.22
C TYR A 34 2.99 -10.25 -13.19
N SER A 35 2.84 -9.92 -14.47
CA SER A 35 3.74 -10.41 -15.52
C SER A 35 5.18 -9.92 -15.47
N ASP A 36 5.46 -8.86 -14.71
CA ASP A 36 6.82 -8.33 -14.60
C ASP A 36 7.64 -8.97 -13.49
N PHE A 37 6.97 -9.70 -12.61
CA PHE A 37 7.64 -10.30 -11.46
C PHE A 37 8.80 -11.24 -11.78
N CYS A 38 8.78 -11.87 -12.96
CA CYS A 38 9.87 -12.76 -13.31
C CYS A 38 11.16 -11.98 -13.60
N GLN A 39 11.05 -10.65 -13.66
CA GLN A 39 12.21 -9.82 -13.93
C GLN A 39 12.97 -9.46 -12.65
N PHE A 40 12.33 -9.66 -11.50
CA PHE A 40 12.96 -9.35 -10.22
C PHE A 40 14.01 -10.40 -9.88
N ARG A 41 14.92 -10.07 -8.96
CA ARG A 41 15.90 -11.05 -8.56
C ARG A 41 15.03 -12.20 -8.04
N PRO A 42 15.42 -13.44 -8.31
CA PRO A 42 14.68 -14.63 -7.88
C PRO A 42 14.40 -14.83 -6.40
N PRO A 43 13.21 -15.35 -6.09
CA PRO A 43 12.87 -15.59 -4.69
C PRO A 43 13.64 -16.84 -4.27
N VAL A 44 14.16 -16.85 -3.05
CA VAL A 44 14.89 -18.00 -2.54
C VAL A 44 14.35 -18.30 -1.14
N ARG A 45 13.98 -19.55 -0.93
CA ARG A 45 13.44 -19.98 0.35
C ARG A 45 14.34 -20.96 1.07
N VAL A 46 15.06 -20.48 2.07
CA VAL A 46 15.96 -21.35 2.85
C VAL A 46 15.13 -22.13 3.86
N ASN A 47 15.62 -23.30 4.27
CA ASN A 47 14.90 -24.11 5.23
C ASN A 47 14.93 -23.43 6.59
N ASP A 48 13.80 -22.83 6.97
CA ASP A 48 13.71 -22.14 8.25
C ASP A 48 12.39 -22.45 8.93
N GLY A 49 12.10 -23.74 9.06
CA GLY A 49 10.86 -24.15 9.70
C GLY A 49 10.79 -23.67 11.13
N GLY A 50 11.95 -23.41 11.73
CA GLY A 50 11.98 -22.95 13.11
C GLY A 50 11.82 -21.45 13.30
N GLY A 51 11.82 -20.71 12.19
CA GLY A 51 11.68 -19.26 12.29
C GLY A 51 12.84 -18.65 13.06
N SER A 52 14.05 -19.13 12.78
CA SER A 52 15.25 -18.64 13.45
C SER A 52 15.63 -17.23 12.98
N VAL A 53 15.65 -16.28 13.91
CA VAL A 53 16.01 -14.91 13.57
C VAL A 53 17.47 -14.84 13.13
N THR A 54 18.33 -15.60 13.80
CA THR A 54 19.74 -15.63 13.45
C THR A 54 19.92 -16.12 12.01
N LEU A 55 19.24 -17.20 11.66
CA LEU A 55 19.33 -17.76 10.31
C LEU A 55 18.74 -16.80 9.28
N GLU A 56 17.57 -16.24 9.59
CA GLU A 56 16.90 -15.31 8.69
C GLU A 56 17.79 -14.11 8.36
N LEU A 57 18.46 -13.56 9.37
CA LEU A 57 19.34 -12.42 9.19
C LEU A 57 20.63 -12.77 8.47
N SER A 58 21.16 -13.97 8.71
CA SER A 58 22.39 -14.38 8.06
C SER A 58 22.17 -14.60 6.57
N GLN A 59 20.95 -15.00 6.20
CA GLN A 59 20.63 -15.27 4.79
C GLN A 59 19.81 -14.20 4.07
N LEU A 60 18.72 -13.75 4.70
CA LEU A 60 17.84 -12.77 4.08
C LEU A 60 17.57 -13.24 2.66
N SER A 61 17.27 -14.54 2.53
CA SER A 61 17.04 -15.18 1.25
C SER A 61 15.95 -14.57 0.37
N MET A 62 14.86 -14.12 0.99
CA MET A 62 13.76 -13.54 0.23
C MET A 62 13.85 -12.02 0.07
N LEU A 63 14.85 -11.40 0.70
CA LEU A 63 14.97 -9.95 0.64
C LEU A 63 15.21 -9.38 -0.75
N PRO A 64 16.12 -9.98 -1.54
CA PRO A 64 16.35 -9.43 -2.88
C PRO A 64 15.07 -9.37 -3.71
N HIS A 65 14.31 -10.47 -3.69
CA HIS A 65 13.06 -10.54 -4.47
C HIS A 65 11.99 -9.58 -3.94
N LEU A 66 11.76 -9.60 -2.64
CA LEU A 66 10.74 -8.73 -2.05
C LEU A 66 11.13 -7.25 -2.11
N ALA A 67 12.42 -6.96 -2.03
CA ALA A 67 12.89 -5.58 -2.12
C ALA A 67 12.62 -5.08 -3.53
N ASP A 68 12.86 -5.94 -4.53
CA ASP A 68 12.62 -5.57 -5.92
C ASP A 68 11.12 -5.38 -6.14
N LEU A 69 10.31 -6.27 -5.55
CA LEU A 69 8.86 -6.17 -5.65
C LEU A 69 8.36 -4.86 -5.07
N VAL A 70 8.87 -4.50 -3.90
CA VAL A 70 8.47 -3.25 -3.25
C VAL A 70 9.01 -2.02 -3.99
N SER A 71 10.23 -2.13 -4.52
CA SER A 71 10.83 -1.02 -5.27
C SER A 71 9.96 -0.79 -6.51
N TYR A 72 9.65 -1.87 -7.21
CA TYR A 72 8.82 -1.84 -8.41
C TYR A 72 7.47 -1.19 -8.06
N SER A 73 6.90 -1.61 -6.93
CA SER A 73 5.61 -1.09 -6.49
C SER A 73 5.67 0.38 -6.15
N ILE A 74 6.76 0.83 -5.54
CA ILE A 74 6.90 2.23 -5.20
C ILE A 74 6.89 3.05 -6.50
N GLN A 75 7.52 2.52 -7.54
CA GLN A 75 7.53 3.22 -8.82
C GLN A 75 6.11 3.33 -9.35
N LYS A 76 5.33 2.27 -9.22
CA LYS A 76 3.95 2.29 -9.71
C LYS A 76 3.10 3.27 -8.90
N VAL A 77 3.32 3.31 -7.59
CA VAL A 77 2.58 4.22 -6.72
C VAL A 77 2.91 5.67 -7.07
N ILE A 78 4.16 5.96 -7.42
CA ILE A 78 4.55 7.31 -7.80
C ILE A 78 3.76 7.68 -9.06
N GLY A 79 3.69 6.76 -10.00
CA GLY A 79 2.94 7.01 -11.21
C GLY A 79 1.46 7.24 -10.92
N PHE A 80 0.90 6.41 -10.04
CA PHE A 80 -0.51 6.53 -9.66
C PHE A 80 -0.78 7.90 -9.05
N ALA A 81 0.06 8.27 -8.08
CA ALA A 81 -0.08 9.56 -7.40
C ALA A 81 -0.05 10.75 -8.33
N LYS A 82 0.85 10.73 -9.32
CA LYS A 82 0.96 11.84 -10.26
C LYS A 82 -0.32 12.04 -11.04
N MET A 83 -1.15 11.01 -11.13
CA MET A 83 -2.42 11.08 -11.85
C MET A 83 -3.59 11.48 -10.96
N ILE A 84 -3.35 11.58 -9.65
CA ILE A 84 -4.42 11.98 -8.75
C ILE A 84 -4.75 13.45 -9.01
N PRO A 85 -6.03 13.75 -9.32
CA PRO A 85 -6.43 15.13 -9.59
C PRO A 85 -5.99 16.06 -8.47
N GLY A 86 -5.21 17.08 -8.81
CA GLY A 86 -4.75 18.03 -7.81
C GLY A 86 -3.33 17.79 -7.30
N PHE A 87 -2.88 16.55 -7.34
CA PHE A 87 -1.53 16.23 -6.86
C PHE A 87 -0.48 17.11 -7.54
N ARG A 88 -0.61 17.31 -8.84
CA ARG A 88 0.35 18.13 -9.58
C ARG A 88 0.30 19.60 -9.19
N ASP A 89 -0.76 20.00 -8.48
CA ASP A 89 -0.88 21.38 -8.05
C ASP A 89 -0.01 21.64 -6.82
N LEU A 90 0.49 20.57 -6.21
CA LEU A 90 1.34 20.68 -5.04
C LEU A 90 2.77 20.96 -5.47
N THR A 91 3.56 21.54 -4.57
CA THR A 91 4.96 21.82 -4.87
C THR A 91 5.68 20.48 -4.96
N SER A 92 6.78 20.47 -5.73
CA SER A 92 7.57 19.26 -5.89
C SER A 92 7.97 18.73 -4.52
N GLU A 93 8.38 19.64 -3.64
CA GLU A 93 8.80 19.28 -2.30
C GLU A 93 7.70 18.55 -1.50
N ASP A 94 6.47 19.04 -1.61
CA ASP A 94 5.36 18.41 -0.89
C ASP A 94 4.98 17.08 -1.53
N GLN A 95 5.10 16.98 -2.84
CA GLN A 95 4.78 15.72 -3.53
C GLN A 95 5.69 14.60 -3.04
N ILE A 96 6.98 14.90 -2.90
CA ILE A 96 7.96 13.92 -2.44
C ILE A 96 7.73 13.54 -0.99
N VAL A 97 7.41 14.53 -0.16
CA VAL A 97 7.15 14.25 1.26
C VAL A 97 6.00 13.26 1.39
N LEU A 98 4.93 13.51 0.65
CA LEU A 98 3.75 12.66 0.69
C LEU A 98 4.04 11.25 0.18
N LEU A 99 4.77 11.17 -0.93
CA LEU A 99 5.11 9.88 -1.52
C LEU A 99 5.97 9.02 -0.58
N LYS A 100 7.05 9.61 -0.06
CA LYS A 100 7.93 8.88 0.83
C LYS A 100 7.23 8.42 2.10
N SER A 101 6.37 9.26 2.65
CA SER A 101 5.66 8.90 3.88
C SER A 101 4.54 7.88 3.71
N SER A 102 3.87 7.88 2.56
CA SER A 102 2.77 6.94 2.33
C SER A 102 3.11 5.68 1.54
N ALA A 103 4.26 5.68 0.87
CA ALA A 103 4.65 4.54 0.04
C ALA A 103 4.35 3.16 0.60
N ILE A 104 4.85 2.86 1.80
CA ILE A 104 4.62 1.55 2.40
C ILE A 104 3.14 1.28 2.69
N GLU A 105 2.41 2.33 3.03
CA GLU A 105 0.99 2.20 3.31
C GLU A 105 0.19 1.90 2.04
N VAL A 106 0.52 2.58 0.95
CA VAL A 106 -0.19 2.35 -0.30
C VAL A 106 0.15 0.96 -0.83
N ILE A 107 1.38 0.50 -0.56
CA ILE A 107 1.79 -0.83 -0.97
C ILE A 107 0.94 -1.86 -0.23
N MET A 108 0.77 -1.66 1.07
CA MET A 108 -0.04 -2.56 1.86
C MET A 108 -1.48 -2.56 1.33
N LEU A 109 -2.00 -1.37 1.01
CA LEU A 109 -3.36 -1.26 0.48
C LEU A 109 -3.51 -1.94 -0.89
N ARG A 110 -2.66 -1.58 -1.85
CA ARG A 110 -2.76 -2.14 -3.19
C ARG A 110 -2.53 -3.64 -3.23
N SER A 111 -1.75 -4.15 -2.27
CA SER A 111 -1.44 -5.58 -2.20
C SER A 111 -2.68 -6.40 -1.83
N ASN A 112 -3.71 -5.73 -1.33
CA ASN A 112 -4.94 -6.43 -0.95
C ASN A 112 -5.56 -7.09 -2.19
N GLU A 113 -5.22 -6.58 -3.37
CA GLU A 113 -5.77 -7.13 -4.61
C GLU A 113 -5.22 -8.53 -4.91
N SER A 114 -3.96 -8.80 -4.52
CA SER A 114 -3.39 -10.12 -4.75
C SER A 114 -3.58 -11.02 -3.51
N PHE A 115 -3.88 -10.40 -2.37
CA PHE A 115 -4.08 -11.17 -1.16
C PHE A 115 -5.33 -12.04 -1.31
N THR A 116 -5.28 -13.25 -0.76
CA THR A 116 -6.45 -14.13 -0.83
C THR A 116 -6.68 -14.82 0.50
N MET A 117 -7.95 -14.91 0.89
CA MET A 117 -8.29 -15.56 2.14
C MET A 117 -8.41 -17.07 1.99
N ASP A 118 -8.18 -17.56 0.77
CA ASP A 118 -8.23 -19.00 0.53
C ASP A 118 -7.18 -19.67 1.41
N ASP A 119 -6.00 -19.06 1.49
CA ASP A 119 -4.92 -19.60 2.31
C ASP A 119 -4.09 -18.51 2.99
N MET A 120 -4.64 -17.30 3.04
CA MET A 120 -3.98 -16.16 3.68
C MET A 120 -2.61 -15.86 3.07
N SER A 121 -2.56 -15.68 1.77
CA SER A 121 -1.30 -15.39 1.10
C SER A 121 -1.53 -14.33 0.02
N TRP A 122 -0.43 -13.77 -0.47
CA TRP A 122 -0.50 -12.80 -1.55
C TRP A 122 -0.13 -13.70 -2.73
N THR A 123 -1.12 -14.10 -3.51
CA THR A 123 -0.89 -14.98 -4.65
C THR A 123 -0.72 -14.23 -5.96
N CYS A 124 0.52 -14.17 -6.44
CA CYS A 124 0.81 -13.46 -7.67
C CYS A 124 1.24 -14.40 -8.80
N GLY A 125 0.81 -15.65 -8.72
CA GLY A 125 1.16 -16.61 -9.75
C GLY A 125 1.36 -18.00 -9.19
N ASN A 126 2.26 -18.76 -9.80
CA ASN A 126 2.56 -20.11 -9.36
C ASN A 126 3.21 -20.06 -7.98
N GLN A 127 3.54 -21.24 -7.46
CA GLN A 127 4.18 -21.36 -6.15
C GLN A 127 5.32 -20.37 -5.94
N ASP A 128 6.11 -20.14 -6.99
CA ASP A 128 7.24 -19.23 -6.91
C ASP A 128 6.84 -17.83 -6.47
N TYR A 129 5.71 -17.35 -6.98
CA TYR A 129 5.27 -16.01 -6.64
C TYR A 129 4.09 -15.94 -5.69
N LYS A 130 4.02 -16.90 -4.79
CA LYS A 130 2.98 -16.92 -3.77
C LYS A 130 3.74 -16.52 -2.50
N TYR A 131 3.34 -15.41 -1.89
CA TYR A 131 4.02 -14.92 -0.71
C TYR A 131 3.25 -15.17 0.58
N ARG A 132 3.89 -15.87 1.51
CA ARG A 132 3.26 -16.18 2.79
C ARG A 132 4.01 -15.50 3.92
N VAL A 133 3.46 -15.60 5.12
CA VAL A 133 4.07 -15.01 6.31
C VAL A 133 5.51 -15.49 6.44
N SER A 134 5.75 -16.75 6.10
CA SER A 134 7.09 -17.33 6.19
C SER A 134 8.09 -16.63 5.28
N ASP A 135 7.63 -16.11 4.15
CA ASP A 135 8.52 -15.42 3.22
C ASP A 135 8.89 -14.05 3.77
N VAL A 136 7.96 -13.44 4.49
CA VAL A 136 8.22 -12.12 5.06
C VAL A 136 9.25 -12.24 6.17
N THR A 137 9.22 -13.33 6.93
CA THR A 137 10.20 -13.51 7.98
C THR A 137 11.57 -13.78 7.34
N LYS A 138 11.57 -14.45 6.19
CA LYS A 138 12.82 -14.73 5.49
C LYS A 138 13.42 -13.46 4.91
N ALA A 139 12.69 -12.35 5.00
CA ALA A 139 13.19 -11.07 4.51
C ALA A 139 13.65 -10.19 5.66
N GLY A 140 13.69 -10.74 6.86
CA GLY A 140 14.15 -9.97 8.00
C GLY A 140 13.11 -9.39 8.95
N HIS A 141 11.83 -9.55 8.66
CA HIS A 141 10.77 -9.02 9.52
C HIS A 141 10.27 -10.03 10.54
N SER A 142 9.63 -9.53 11.59
CA SER A 142 9.12 -10.37 12.66
C SER A 142 7.59 -10.35 12.74
N LEU A 143 7.05 -11.24 13.56
CA LEU A 143 5.61 -11.35 13.73
C LEU A 143 4.95 -10.06 14.23
N GLU A 144 5.73 -9.23 14.92
CA GLU A 144 5.22 -7.96 15.44
C GLU A 144 4.65 -7.11 14.30
N LEU A 145 5.13 -7.35 13.09
CA LEU A 145 4.64 -6.62 11.93
C LEU A 145 3.71 -7.51 11.11
N ILE A 146 4.15 -8.73 10.86
CA ILE A 146 3.41 -9.69 10.06
C ILE A 146 2.00 -10.01 10.56
N GLU A 147 1.88 -10.27 11.86
CA GLU A 147 0.59 -10.60 12.45
C GLU A 147 -0.46 -9.52 12.18
N PRO A 148 -0.18 -8.27 12.58
CA PRO A 148 -1.18 -7.22 12.32
C PRO A 148 -1.38 -6.95 10.83
N LEU A 149 -0.37 -7.20 10.02
CA LEU A 149 -0.49 -6.97 8.58
C LEU A 149 -1.52 -7.92 7.99
N ILE A 150 -1.47 -9.19 8.39
CA ILE A 150 -2.41 -10.18 7.89
C ILE A 150 -3.82 -9.85 8.39
N LYS A 151 -3.91 -9.43 9.64
CA LYS A 151 -5.19 -9.07 10.21
C LYS A 151 -5.74 -7.88 9.42
N PHE A 152 -4.85 -6.96 9.06
CA PHE A 152 -5.24 -5.78 8.29
C PHE A 152 -5.78 -6.20 6.92
N GLN A 153 -5.06 -7.09 6.25
CA GLN A 153 -5.48 -7.58 4.93
C GLN A 153 -6.85 -8.23 4.96
N VAL A 154 -7.08 -9.08 5.95
CA VAL A 154 -8.37 -9.75 6.08
C VAL A 154 -9.47 -8.74 6.36
N GLY A 155 -9.20 -7.79 7.26
CA GLY A 155 -10.19 -6.79 7.58
C GLY A 155 -10.57 -5.98 6.35
N LEU A 156 -9.57 -5.64 5.55
CA LEU A 156 -9.78 -4.86 4.33
C LEU A 156 -10.55 -5.70 3.31
N LYS A 157 -10.18 -6.97 3.19
CA LYS A 157 -10.86 -7.86 2.25
C LYS A 157 -12.35 -7.93 2.54
N LYS A 158 -12.68 -8.08 3.82
CA LYS A 158 -14.07 -8.21 4.25
C LYS A 158 -14.91 -6.95 4.06
N LEU A 159 -14.30 -5.83 3.70
CA LEU A 159 -15.09 -4.62 3.47
C LEU A 159 -15.71 -4.74 2.09
N ASN A 160 -15.20 -5.65 1.27
CA ASN A 160 -15.71 -5.86 -0.07
C ASN A 160 -15.85 -4.54 -0.83
N LEU A 161 -14.77 -3.76 -0.85
CA LEU A 161 -14.78 -2.47 -1.53
C LEU A 161 -14.95 -2.55 -3.05
N HIS A 162 -15.64 -1.57 -3.60
CA HIS A 162 -15.79 -1.50 -5.05
C HIS A 162 -14.43 -0.96 -5.50
N GLU A 163 -14.03 -1.20 -6.73
CA GLU A 163 -12.75 -0.69 -7.17
C GLU A 163 -12.71 0.83 -7.02
N GLU A 164 -13.88 1.46 -7.21
CA GLU A 164 -13.98 2.90 -7.07
C GLU A 164 -13.58 3.34 -5.65
N GLU A 165 -14.04 2.59 -4.65
CA GLU A 165 -13.73 2.89 -3.26
C GLU A 165 -12.27 2.58 -2.96
N HIS A 166 -11.77 1.51 -3.58
CA HIS A 166 -10.39 1.08 -3.41
C HIS A 166 -9.41 2.16 -3.88
N VAL A 167 -9.58 2.66 -5.10
CA VAL A 167 -8.69 3.67 -5.63
C VAL A 167 -8.82 5.02 -4.91
N LEU A 168 -10.02 5.34 -4.43
CA LEU A 168 -10.20 6.59 -3.71
C LEU A 168 -9.48 6.50 -2.36
N LEU A 169 -9.52 5.33 -1.73
CA LEU A 169 -8.86 5.14 -0.44
C LEU A 169 -7.34 5.32 -0.58
N MET A 170 -6.76 4.78 -1.65
CA MET A 170 -5.32 4.92 -1.86
C MET A 170 -4.97 6.39 -2.11
N ALA A 171 -5.81 7.08 -2.89
CA ALA A 171 -5.57 8.49 -3.18
C ALA A 171 -5.64 9.31 -1.89
N ILE A 172 -6.64 9.02 -1.06
CA ILE A 172 -6.83 9.73 0.19
C ILE A 172 -5.66 9.47 1.13
N CYS A 173 -5.13 8.25 1.08
CA CYS A 173 -4.00 7.87 1.93
C CYS A 173 -2.76 8.69 1.57
N ILE A 174 -2.50 8.83 0.27
CA ILE A 174 -1.35 9.57 -0.21
C ILE A 174 -1.44 11.07 0.08
N VAL A 175 -2.60 11.66 -0.23
CA VAL A 175 -2.80 13.09 -0.03
C VAL A 175 -3.30 13.40 1.39
N SER A 176 -2.43 13.18 2.37
CA SER A 176 -2.77 13.42 3.78
C SER A 176 -2.03 14.65 4.29
N PRO A 177 -2.77 15.63 4.85
CA PRO A 177 -2.13 16.84 5.37
C PRO A 177 -1.36 16.63 6.66
N ASP A 178 -1.60 15.49 7.32
CA ASP A 178 -0.94 15.18 8.58
C ASP A 178 0.30 14.31 8.44
N ARG A 179 1.17 14.67 7.50
CA ARG A 179 2.42 13.95 7.29
C ARG A 179 3.51 14.91 7.74
N PRO A 180 4.51 14.40 8.48
CA PRO A 180 5.60 15.26 8.95
C PRO A 180 6.42 15.86 7.81
N GLY A 181 6.67 17.16 7.87
CA GLY A 181 7.46 17.82 6.85
C GLY A 181 6.68 18.50 5.75
N VAL A 182 5.36 18.34 5.73
CA VAL A 182 4.55 18.97 4.69
C VAL A 182 4.62 20.48 4.82
N GLN A 183 4.67 21.17 3.68
CA GLN A 183 4.75 22.62 3.65
C GLN A 183 3.37 23.26 3.60
N ASP A 184 2.63 22.99 2.53
CA ASP A 184 1.30 23.57 2.37
C ASP A 184 0.20 22.59 2.77
N ALA A 185 0.05 22.39 4.08
CA ALA A 185 -0.96 21.48 4.62
C ALA A 185 -2.38 21.88 4.23
N ALA A 186 -2.63 23.19 4.13
CA ALA A 186 -3.97 23.67 3.78
C ALA A 186 -4.37 23.18 2.38
N LEU A 187 -3.45 23.30 1.42
CA LEU A 187 -3.73 22.87 0.07
C LEU A 187 -3.93 21.35 -0.01
N ILE A 188 -3.05 20.62 0.67
CA ILE A 188 -3.14 19.17 0.69
C ILE A 188 -4.48 18.74 1.28
N GLU A 189 -4.92 19.42 2.33
CA GLU A 189 -6.19 19.11 2.98
C GLU A 189 -7.37 19.42 2.06
N ALA A 190 -7.26 20.49 1.28
CA ALA A 190 -8.32 20.85 0.35
C ALA A 190 -8.46 19.75 -0.70
N ILE A 191 -7.32 19.26 -1.18
CA ILE A 191 -7.33 18.21 -2.18
C ILE A 191 -7.88 16.93 -1.58
N GLN A 192 -7.47 16.61 -0.35
CA GLN A 192 -7.95 15.40 0.30
C GLN A 192 -9.47 15.46 0.54
N ASP A 193 -9.96 16.63 0.95
CA ASP A 193 -11.39 16.77 1.20
C ASP A 193 -12.21 16.54 -0.06
N ARG A 194 -11.68 16.99 -1.20
CA ARG A 194 -12.38 16.81 -2.46
C ARG A 194 -12.50 15.31 -2.75
N LEU A 195 -11.44 14.57 -2.42
CA LEU A 195 -11.43 13.13 -2.63
C LEU A 195 -12.31 12.41 -1.61
N SER A 196 -12.26 12.86 -0.35
CA SER A 196 -13.08 12.26 0.70
C SER A 196 -14.56 12.49 0.43
N ASN A 197 -14.91 13.69 -0.02
CA ASN A 197 -16.29 13.99 -0.32
C ASN A 197 -16.78 13.12 -1.47
N THR A 198 -15.88 12.85 -2.42
CA THR A 198 -16.23 12.01 -3.56
C THR A 198 -16.52 10.61 -3.05
N LEU A 199 -15.66 10.11 -2.17
CA LEU A 199 -15.84 8.76 -1.60
C LEU A 199 -17.13 8.66 -0.80
N GLN A 200 -17.37 9.62 0.08
CA GLN A 200 -18.58 9.61 0.88
C GLN A 200 -19.83 9.64 0.02
N THR A 201 -19.82 10.47 -1.01
CA THR A 201 -20.96 10.60 -1.92
C THR A 201 -21.15 9.30 -2.70
N TYR A 202 -20.05 8.72 -3.18
CA TYR A 202 -20.13 7.48 -3.94
C TYR A 202 -20.72 6.37 -3.09
N ILE A 203 -20.22 6.24 -1.85
CA ILE A 203 -20.71 5.20 -0.95
C ILE A 203 -22.21 5.32 -0.70
N ARG A 204 -22.67 6.55 -0.45
CA ARG A 204 -24.08 6.80 -0.16
C ARG A 204 -25.06 6.54 -1.31
N CYS A 205 -24.64 6.75 -2.55
CA CYS A 205 -25.59 6.51 -3.63
C CYS A 205 -25.30 5.31 -4.53
N ARG A 206 -24.22 4.60 -4.29
CA ARG A 206 -23.90 3.45 -5.12
C ARG A 206 -23.52 2.17 -4.40
N HIS A 207 -23.33 2.26 -3.08
CA HIS A 207 -22.97 1.06 -2.33
C HIS A 207 -24.20 0.50 -1.64
N PRO A 208 -24.69 -0.67 -2.09
CA PRO A 208 -25.87 -1.32 -1.52
C PRO A 208 -25.65 -1.87 -0.12
N PRO A 209 -26.71 -1.87 0.71
CA PRO A 209 -26.63 -2.38 2.09
C PRO A 209 -26.62 -3.91 2.12
N PRO A 210 -26.23 -4.50 3.26
CA PRO A 210 -25.80 -3.82 4.48
C PRO A 210 -24.31 -3.49 4.49
N GLY A 211 -23.65 -3.71 3.35
CA GLY A 211 -22.23 -3.44 3.24
C GLY A 211 -21.87 -1.97 3.27
N SER A 212 -22.88 -1.10 3.16
CA SER A 212 -22.66 0.34 3.16
C SER A 212 -22.73 0.91 4.57
N HIS A 213 -23.27 0.12 5.50
CA HIS A 213 -23.40 0.55 6.89
C HIS A 213 -22.06 0.98 7.50
N LEU A 214 -21.94 2.28 7.77
CA LEU A 214 -20.71 2.82 8.35
C LEU A 214 -19.47 2.42 7.56
N LEU A 215 -19.63 2.19 6.27
CA LEU A 215 -18.49 1.80 5.44
C LEU A 215 -17.42 2.87 5.44
N TYR A 216 -17.81 4.13 5.32
CA TYR A 216 -16.85 5.23 5.31
C TYR A 216 -16.00 5.24 6.59
N ALA A 217 -16.67 5.10 7.73
CA ALA A 217 -15.98 5.10 9.01
C ALA A 217 -14.98 3.95 9.10
N LYS A 218 -15.37 2.78 8.58
CA LYS A 218 -14.50 1.62 8.60
C LYS A 218 -13.30 1.85 7.68
N MET A 219 -13.52 2.53 6.57
CA MET A 219 -12.44 2.82 5.63
C MET A 219 -11.44 3.80 6.24
N ILE A 220 -11.96 4.80 6.95
CA ILE A 220 -11.13 5.79 7.60
C ILE A 220 -10.32 5.12 8.71
N GLN A 221 -10.90 4.12 9.35
CA GLN A 221 -10.20 3.41 10.41
C GLN A 221 -9.02 2.63 9.85
N LYS A 222 -9.14 2.17 8.60
CA LYS A 222 -8.05 1.42 7.98
C LYS A 222 -6.87 2.35 7.77
N LEU A 223 -7.13 3.62 7.50
CA LEU A 223 -6.06 4.58 7.30
C LEU A 223 -5.30 4.79 8.60
N ALA A 224 -6.02 4.72 9.71
CA ALA A 224 -5.39 4.87 11.02
C ALA A 224 -4.54 3.63 11.26
N ASP A 225 -5.10 2.45 10.96
CA ASP A 225 -4.39 1.19 11.12
C ASP A 225 -3.08 1.21 10.34
N LEU A 226 -3.12 1.78 9.14
CA LEU A 226 -1.95 1.86 8.29
C LEU A 226 -0.81 2.68 8.91
N ARG A 227 -1.16 3.73 9.64
CA ARG A 227 -0.15 4.55 10.30
C ARG A 227 0.65 3.70 11.28
N SER A 228 -0.05 2.82 12.00
CA SER A 228 0.60 1.94 12.97
C SER A 228 1.50 0.94 12.26
N LEU A 229 1.01 0.35 11.19
CA LEU A 229 1.79 -0.62 10.43
C LEU A 229 3.02 0.08 9.85
N ASN A 230 2.84 1.33 9.42
CA ASN A 230 3.93 2.11 8.85
C ASN A 230 5.05 2.25 9.88
N GLU A 231 4.69 2.67 11.09
CA GLU A 231 5.67 2.86 12.17
C GLU A 231 6.39 1.57 12.52
N GLU A 232 5.66 0.46 12.60
CA GLU A 232 6.28 -0.81 12.94
C GLU A 232 7.22 -1.26 11.81
N HIS A 233 6.81 -1.05 10.57
CA HIS A 233 7.67 -1.44 9.45
C HIS A 233 8.94 -0.61 9.48
N SER A 234 8.81 0.67 9.78
CA SER A 234 9.95 1.57 9.84
C SER A 234 10.96 1.10 10.89
N LYS A 235 10.47 0.77 12.08
CA LYS A 235 11.35 0.30 13.15
C LYS A 235 12.10 -0.96 12.73
N GLN A 236 11.37 -1.89 12.13
CA GLN A 236 11.97 -3.14 11.69
C GLN A 236 12.93 -2.97 10.52
N TYR A 237 12.63 -2.05 9.62
CA TYR A 237 13.52 -1.81 8.49
C TYR A 237 14.84 -1.31 9.05
N ARG A 238 14.76 -0.43 10.03
CA ARG A 238 15.95 0.13 10.67
C ARG A 238 16.86 -1.00 11.16
N CYS A 239 16.28 -1.93 11.91
CA CYS A 239 17.01 -3.07 12.45
C CYS A 239 17.62 -3.90 11.33
N LEU A 240 16.81 -4.16 10.30
CA LEU A 240 17.25 -4.93 9.15
C LEU A 240 18.45 -4.28 8.46
N SER A 241 18.44 -2.95 8.37
CA SER A 241 19.53 -2.23 7.72
C SER A 241 20.87 -2.37 8.44
N PHE A 242 20.85 -2.82 9.68
CA PHE A 242 22.08 -3.00 10.46
C PHE A 242 22.84 -4.24 10.02
N GLN A 243 22.16 -5.12 9.28
CA GLN A 243 22.81 -6.35 8.83
C GLN A 243 23.85 -6.04 7.76
N PRO A 244 25.11 -6.46 7.97
CA PRO A 244 26.15 -6.18 6.98
C PRO A 244 25.77 -6.69 5.59
N GLU A 245 26.05 -5.88 4.57
CA GLU A 245 25.76 -6.23 3.18
C GLU A 245 24.28 -6.16 2.82
N CYS A 246 23.46 -5.63 3.73
CA CYS A 246 22.03 -5.54 3.48
C CYS A 246 21.68 -4.61 2.32
N SER A 247 22.42 -3.51 2.18
CA SER A 247 22.16 -2.54 1.12
C SER A 247 22.15 -3.15 -0.27
N MET A 248 23.03 -4.13 -0.51
CA MET A 248 23.11 -4.78 -1.80
C MET A 248 21.85 -5.62 -2.09
N LYS A 249 21.15 -6.01 -1.04
CA LYS A 249 19.94 -6.80 -1.21
C LYS A 249 18.72 -5.92 -1.40
N LEU A 250 18.90 -4.62 -1.23
CA LEU A 250 17.82 -3.66 -1.40
C LEU A 250 17.95 -2.98 -2.76
N THR A 251 17.44 -1.76 -2.88
CA THR A 251 17.56 -0.99 -4.11
C THR A 251 17.73 0.46 -3.71
N PRO A 252 18.30 1.29 -4.59
CA PRO A 252 18.48 2.70 -4.26
C PRO A 252 17.18 3.39 -3.86
N LEU A 253 16.09 3.07 -4.55
CA LEU A 253 14.80 3.68 -4.25
C LEU A 253 14.33 3.27 -2.86
N VAL A 254 14.46 1.99 -2.54
CA VAL A 254 14.05 1.49 -1.23
C VAL A 254 14.91 2.09 -0.13
N LEU A 255 16.22 2.17 -0.37
CA LEU A 255 17.13 2.75 0.61
C LEU A 255 16.74 4.19 0.91
N GLU A 256 16.38 4.94 -0.12
CA GLU A 256 16.00 6.34 0.06
C GLU A 256 14.67 6.51 0.78
N VAL A 257 13.64 5.82 0.30
CA VAL A 257 12.31 5.93 0.88
C VAL A 257 12.24 5.52 2.35
N PHE A 258 12.93 4.44 2.69
CA PHE A 258 12.90 3.93 4.06
C PHE A 258 14.13 4.29 4.89
N GLY A 259 15.15 4.82 4.24
CA GLY A 259 16.36 5.20 4.95
C GLY A 259 16.20 6.50 5.72
#